data_7E34
#
_entry.id   7E34
#
_cell.length_a   59.340
_cell.length_b   183.525
_cell.length_c   103.829
_cell.angle_alpha   90.000
_cell.angle_beta   90.000
_cell.angle_gamma   90.000
#
_symmetry.space_group_name_H-M   'C 2 2 21'
#
loop_
_entity.id
_entity.type
_entity.pdbx_description
1 polymer 'Cyclin-dependent kinase 2'
2 polymer 'Speedy protein A'
3 polymer 'SUN domain-containing protein 1'
4 non-polymer GLYCEROL
5 non-polymer 'ZINC ION'
6 water water
#
loop_
_entity_poly.entity_id
_entity_poly.type
_entity_poly.pdbx_seq_one_letter_code
_entity_poly.pdbx_strand_id
1 'polypeptide(L)'
;SENFQKVEKIGEGTYGVVYKARNKLTGEVVALKKIRLDTETEGVPSTAIREISLLKELNHPNIVKLLDVIHTENKLYLVF
EFLHQDLKKFMDASALTGIPLPLIKSYLFQLLQGLAFCHSHRVLHRDLKPQNLLINTEGAIKLADFGLARAFGVPVRTYT
HEVVTLWYRAPEILLGCKYYSTAVDIWSLGCIFAEMVTRRALFPGDSEIDQLFRIFRTLGTPDEVVWPGVTSMPDYKPSF
PKWARQDFSKVVPPLDEDGRSLLSQMLHYDPNKRISAKAALAHPFFQDVTKPVPHLRL
;
A
2 'polypeptide(L)'
;GPCLVIQRQDMTAFFKLFDDDLIQDFLWMDCCCKIADKYLLAMTFVYFKRAKFTISEHTRINFFIALYLANTVEEDEEET
KYEIFPWALGKNWRKLFPNFLKLRDQLWDRIDYRAIVSRRCCEEVMAIAPTHYIWQRERSVHHSGAVRNYNRD
;
B
3 'polypeptide(L)' DAVTRRPPVLDESWIREQTTVDHFWGLDDDGDLKGGNKAAIQGNGD C
#
# COMPACT_ATOMS: atom_id res chain seq x y z
N SER A 1 2.89 -25.00 -7.63
CA SER A 1 3.93 -24.43 -8.48
C SER A 1 4.15 -25.30 -9.72
N GLU A 2 4.73 -26.52 -9.53
CA GLU A 2 5.02 -27.56 -10.54
C GLU A 2 6.02 -27.11 -11.63
N ASN A 3 5.62 -26.17 -12.49
CA ASN A 3 6.41 -25.62 -13.61
C ASN A 3 7.58 -24.71 -13.16
N PHE A 4 7.90 -24.72 -11.85
CA PHE A 4 8.99 -23.94 -11.25
C PHE A 4 9.91 -24.87 -10.46
N GLN A 5 11.20 -24.92 -10.83
CA GLN A 5 12.21 -25.74 -10.14
C GLN A 5 12.87 -24.87 -9.07
N LYS A 6 12.55 -25.14 -7.80
CA LYS A 6 13.07 -24.40 -6.64
C LYS A 6 14.58 -24.63 -6.49
N VAL A 7 15.36 -23.55 -6.60
CA VAL A 7 16.81 -23.53 -6.52
C VAL A 7 17.24 -23.42 -5.05
N GLU A 8 16.87 -22.32 -4.37
CA GLU A 8 17.22 -22.08 -2.95
C GLU A 8 16.26 -21.15 -2.22
N LYS A 9 16.22 -21.24 -0.88
CA LYS A 9 15.39 -20.41 -0.01
C LYS A 9 16.15 -19.11 0.23
N ILE A 10 15.44 -17.96 0.16
CA ILE A 10 16.04 -16.64 0.37
C ILE A 10 15.47 -16.00 1.63
N GLY A 11 14.26 -15.46 1.54
CA GLY A 11 13.58 -14.80 2.65
C GLY A 11 12.56 -15.68 3.35
N GLU A 12 12.10 -15.21 4.53
CA GLU A 12 11.11 -15.87 5.40
C GLU A 12 10.57 -14.85 6.42
N GLY A 13 9.30 -15.00 6.79
CA GLY A 13 8.63 -14.15 7.77
C GLY A 13 7.26 -14.67 8.17
N THR A 14 6.40 -13.76 8.66
CA THR A 14 5.02 -14.09 9.06
C THR A 14 4.18 -14.30 7.80
N TYR A 15 4.51 -13.54 6.73
CA TYR A 15 3.88 -13.56 5.41
C TYR A 15 4.03 -14.91 4.70
N GLY A 16 5.23 -15.49 4.81
CA GLY A 16 5.57 -16.77 4.20
C GLY A 16 7.05 -16.94 3.92
N VAL A 17 7.38 -17.78 2.93
CA VAL A 17 8.75 -18.11 2.52
C VAL A 17 9.01 -17.66 1.08
N VAL A 18 10.19 -17.07 0.82
CA VAL A 18 10.59 -16.63 -0.53
C VAL A 18 11.69 -17.55 -1.06
N TYR A 19 11.52 -18.06 -2.30
CA TYR A 19 12.46 -18.97 -2.96
C TYR A 19 13.02 -18.37 -4.27
N LYS A 20 14.03 -19.05 -4.84
CA LYS A 20 14.67 -18.75 -6.13
C LYS A 20 14.23 -19.92 -7.02
N ALA A 21 13.72 -19.64 -8.23
CA ALA A 21 13.22 -20.71 -9.11
C ALA A 21 13.41 -20.47 -10.60
N ARG A 22 13.33 -21.55 -11.42
CA ARG A 22 13.42 -21.49 -12.87
C ARG A 22 12.01 -21.60 -13.50
N ASN A 23 11.88 -22.03 -14.80
CA ASN A 23 10.56 -22.10 -15.45
C ASN A 23 10.45 -23.14 -16.59
N LYS A 24 9.44 -22.96 -17.48
CA LYS A 24 9.16 -23.72 -18.70
C LYS A 24 9.37 -22.79 -19.90
N LEU A 25 9.50 -21.48 -19.60
CA LEU A 25 9.80 -20.38 -20.52
C LEU A 25 11.28 -20.03 -20.28
N THR A 26 12.16 -20.98 -20.68
CA THR A 26 13.63 -20.99 -20.54
C THR A 26 14.05 -20.94 -19.07
N GLY A 27 15.34 -20.74 -18.84
CA GLY A 27 15.93 -20.63 -17.51
C GLY A 27 15.63 -19.28 -16.89
N GLU A 28 14.34 -18.88 -16.93
CA GLU A 28 13.83 -17.63 -16.37
C GLU A 28 13.91 -17.72 -14.86
N VAL A 29 14.99 -17.15 -14.29
CA VAL A 29 15.22 -17.15 -12.85
C VAL A 29 14.29 -16.13 -12.23
N VAL A 30 13.47 -16.59 -11.28
CA VAL A 30 12.42 -15.78 -10.61
C VAL A 30 12.50 -15.87 -9.08
N ALA A 31 11.63 -15.08 -8.40
CA ALA A 31 11.49 -15.06 -6.96
C ALA A 31 10.08 -15.56 -6.65
N LEU A 32 9.97 -16.84 -6.24
CA LEU A 32 8.70 -17.49 -5.91
C LEU A 32 8.35 -17.29 -4.43
N LYS A 33 7.34 -16.46 -4.15
CA LYS A 33 6.88 -16.15 -2.78
C LYS A 33 5.65 -16.99 -2.39
N LYS A 34 5.85 -17.92 -1.43
CA LYS A 34 4.80 -18.81 -0.92
C LYS A 34 4.16 -18.09 0.28
N ILE A 35 2.83 -17.93 0.25
CA ILE A 35 2.10 -17.23 1.31
C ILE A 35 1.56 -18.20 2.37
N ARG A 36 1.76 -17.81 3.65
CA ARG A 36 1.29 -18.55 4.83
C ARG A 36 -0.21 -18.27 5.02
N LEU A 37 -1.06 -19.18 4.52
CA LEU A 37 -2.52 -19.06 4.63
C LEU A 37 -2.97 -19.35 6.05
N ASP A 38 -3.81 -18.45 6.62
CA ASP A 38 -4.34 -18.49 8.00
C ASP A 38 -4.82 -19.89 8.44
N THR A 39 -4.58 -20.22 9.73
CA THR A 39 -4.88 -21.51 10.35
C THR A 39 -6.40 -21.75 10.53
N GLU A 40 -7.14 -20.75 11.04
CA GLU A 40 -8.59 -20.87 11.30
C GLU A 40 -9.47 -20.40 10.15
N THR A 41 -9.24 -19.17 9.66
CA THR A 41 -10.03 -18.58 8.57
C THR A 41 -9.79 -19.25 7.22
N GLU A 42 -8.53 -19.75 6.99
CA GLU A 42 -7.99 -20.38 5.77
C GLU A 42 -8.29 -19.51 4.50
N GLY A 43 -8.34 -18.19 4.73
CA GLY A 43 -8.56 -17.17 3.73
C GLY A 43 -7.29 -16.40 3.44
N VAL A 44 -7.20 -15.77 2.26
CA VAL A 44 -6.04 -15.00 1.80
C VAL A 44 -5.86 -13.78 2.72
N PRO A 45 -4.65 -13.52 3.29
CA PRO A 45 -4.48 -12.36 4.18
C PRO A 45 -4.72 -11.02 3.48
N SER A 46 -5.18 -10.01 4.24
CA SER A 46 -5.46 -8.67 3.74
C SER A 46 -4.22 -8.07 3.08
N THR A 47 -3.04 -8.37 3.64
CA THR A 47 -1.72 -7.94 3.15
C THR A 47 -1.42 -8.52 1.78
N ALA A 48 -1.82 -9.77 1.53
CA ALA A 48 -1.59 -10.44 0.26
C ALA A 48 -2.48 -9.86 -0.83
N ILE A 49 -3.79 -9.66 -0.54
CA ILE A 49 -4.76 -9.09 -1.48
C ILE A 49 -4.30 -7.70 -1.91
N ARG A 50 -3.94 -6.83 -0.94
CA ARG A 50 -3.45 -5.48 -1.18
C ARG A 50 -2.18 -5.45 -2.05
N GLU A 51 -1.21 -6.36 -1.76
CA GLU A 51 0.05 -6.49 -2.51
C GLU A 51 -0.19 -6.93 -3.95
N ILE A 52 -0.95 -8.01 -4.15
CA ILE A 52 -1.26 -8.55 -5.48
C ILE A 52 -2.11 -7.56 -6.29
N SER A 53 -3.16 -6.98 -5.66
CA SER A 53 -4.06 -6.03 -6.32
C SER A 53 -3.36 -4.74 -6.77
N LEU A 54 -2.34 -4.28 -6.02
CA LEU A 54 -1.59 -3.09 -6.40
C LEU A 54 -0.55 -3.39 -7.48
N LEU A 55 0.30 -4.43 -7.26
CA LEU A 55 1.35 -4.84 -8.19
C LEU A 55 0.84 -5.33 -9.55
N LYS A 56 -0.45 -5.73 -9.64
CA LYS A 56 -1.09 -6.17 -10.88
C LYS A 56 -1.35 -4.94 -11.78
N GLU A 57 -1.22 -3.72 -11.20
CA GLU A 57 -1.46 -2.44 -11.87
C GLU A 57 -0.25 -1.45 -11.82
N LEU A 58 0.87 -1.85 -11.18
CA LEU A 58 2.08 -1.01 -11.09
C LEU A 58 3.20 -1.49 -12.00
N ASN A 59 3.41 -0.80 -13.13
CA ASN A 59 4.45 -1.17 -14.08
C ASN A 59 5.45 -0.03 -14.30
N HIS A 60 6.44 0.07 -13.41
CA HIS A 60 7.50 1.07 -13.39
C HIS A 60 8.87 0.36 -13.30
N PRO A 61 9.94 0.88 -13.98
CA PRO A 61 11.25 0.20 -13.91
C PRO A 61 11.91 0.15 -12.54
N ASN A 62 11.40 0.93 -11.56
CA ASN A 62 11.94 0.98 -10.19
C ASN A 62 10.98 0.39 -9.14
N ILE A 63 10.09 -0.50 -9.58
CA ILE A 63 9.10 -1.23 -8.78
C ILE A 63 9.22 -2.70 -9.19
N VAL A 64 9.36 -3.61 -8.22
CA VAL A 64 9.50 -5.05 -8.45
C VAL A 64 8.30 -5.60 -9.24
N LYS A 65 8.56 -6.19 -10.41
CA LYS A 65 7.54 -6.72 -11.32
C LYS A 65 6.93 -8.05 -10.87
N LEU A 66 5.59 -8.10 -10.81
CA LEU A 66 4.85 -9.31 -10.46
C LEU A 66 4.55 -10.04 -11.79
N LEU A 67 4.96 -11.30 -11.88
CA LEU A 67 4.83 -12.08 -13.11
C LEU A 67 3.61 -12.99 -13.15
N ASP A 68 3.37 -13.77 -12.08
CA ASP A 68 2.22 -14.68 -12.04
C ASP A 68 1.67 -14.86 -10.63
N VAL A 69 0.37 -15.23 -10.53
CA VAL A 69 -0.31 -15.47 -9.26
C VAL A 69 -1.02 -16.83 -9.31
N ILE A 70 -0.45 -17.82 -8.61
CA ILE A 70 -0.97 -19.18 -8.52
C ILE A 70 -1.79 -19.27 -7.23
N HIS A 71 -3.11 -19.46 -7.36
CA HIS A 71 -4.00 -19.58 -6.20
C HIS A 71 -4.78 -20.89 -6.24
N THR A 72 -4.66 -21.67 -5.17
CA THR A 72 -5.34 -22.95 -4.97
C THR A 72 -6.01 -22.99 -3.60
N GLU A 73 -6.78 -24.07 -3.34
CA GLU A 73 -7.50 -24.33 -2.09
C GLU A 73 -6.74 -23.92 -0.82
N ASN A 74 -5.50 -24.44 -0.65
CA ASN A 74 -4.65 -24.19 0.51
C ASN A 74 -3.35 -23.43 0.19
N LYS A 75 -3.13 -23.04 -1.09
CA LYS A 75 -1.91 -22.34 -1.51
C LYS A 75 -2.12 -20.99 -2.18
N LEU A 76 -1.07 -20.12 -2.12
CA LEU A 76 -0.99 -18.81 -2.76
C LEU A 76 0.46 -18.44 -3.09
N TYR A 77 0.83 -18.62 -4.36
CA TYR A 77 2.16 -18.32 -4.86
C TYR A 77 2.22 -17.00 -5.62
N LEU A 78 3.34 -16.30 -5.47
CA LEU A 78 3.59 -15.02 -6.10
C LEU A 78 4.90 -15.08 -6.86
N VAL A 79 4.84 -15.03 -8.19
CA VAL A 79 6.02 -15.04 -9.03
C VAL A 79 6.49 -13.60 -9.23
N PHE A 80 7.76 -13.33 -8.93
CA PHE A 80 8.40 -12.02 -9.02
C PHE A 80 9.66 -12.07 -9.85
N GLU A 81 10.14 -10.89 -10.29
CA GLU A 81 11.40 -10.80 -11.02
C GLU A 81 12.55 -11.01 -10.02
N PHE A 82 13.49 -11.91 -10.35
CA PHE A 82 14.61 -12.19 -9.47
C PHE A 82 15.57 -11.01 -9.46
N LEU A 83 16.01 -10.61 -8.26
CA LEU A 83 16.97 -9.53 -8.05
C LEU A 83 17.97 -10.07 -7.04
N HIS A 84 19.25 -10.14 -7.47
CA HIS A 84 20.42 -10.69 -6.78
C HIS A 84 20.41 -10.54 -5.26
N GLN A 85 20.23 -9.31 -4.72
CA GLN A 85 20.15 -9.06 -3.28
C GLN A 85 19.39 -7.77 -2.91
N ASP A 86 19.06 -7.61 -1.61
CA ASP A 86 18.38 -6.44 -1.08
C ASP A 86 19.41 -5.40 -0.62
N LEU A 87 18.94 -4.16 -0.35
CA LEU A 87 19.80 -3.06 0.08
C LEU A 87 20.51 -3.38 1.39
N LYS A 88 19.79 -3.94 2.40
CA LYS A 88 20.35 -4.31 3.70
C LYS A 88 21.58 -5.23 3.56
N LYS A 89 21.48 -6.28 2.73
CA LYS A 89 22.59 -7.22 2.45
C LYS A 89 23.78 -6.53 1.77
N PHE A 90 23.52 -5.47 0.98
CA PHE A 90 24.56 -4.68 0.30
C PHE A 90 25.20 -3.69 1.26
N MET A 91 24.41 -3.12 2.19
CA MET A 91 24.90 -2.16 3.19
C MET A 91 25.74 -2.88 4.23
N ASP A 92 25.42 -4.15 4.51
CA ASP A 92 26.16 -5.00 5.43
C ASP A 92 27.48 -5.44 4.78
N ALA A 93 27.46 -5.72 3.46
CA ALA A 93 28.64 -6.12 2.68
C ALA A 93 29.61 -4.96 2.49
N SER A 94 29.07 -3.72 2.39
CA SER A 94 29.84 -2.47 2.24
C SER A 94 29.69 -1.63 3.53
N ALA A 95 29.89 -2.28 4.70
CA ALA A 95 29.77 -1.66 6.01
C ALA A 95 31.09 -1.07 6.50
N LEU A 96 32.21 -1.58 5.97
CA LEU A 96 33.55 -1.13 6.36
C LEU A 96 34.18 -0.22 5.31
N THR A 97 34.03 -0.56 4.02
CA THR A 97 34.54 0.26 2.92
C THR A 97 33.57 1.43 2.69
N GLY A 98 32.28 1.11 2.58
CA GLY A 98 31.21 2.08 2.36
C GLY A 98 30.74 2.15 0.94
N ILE A 99 29.44 2.44 0.74
CA ILE A 99 28.81 2.58 -0.59
C ILE A 99 29.31 3.90 -1.18
N PRO A 100 29.84 3.94 -2.43
CA PRO A 100 30.32 5.21 -2.99
C PRO A 100 29.18 6.23 -3.16
N LEU A 101 29.50 7.53 -2.98
CA LEU A 101 28.53 8.63 -3.09
C LEU A 101 27.76 8.64 -4.42
N PRO A 102 28.38 8.47 -5.63
CA PRO A 102 27.56 8.44 -6.86
C PRO A 102 26.53 7.31 -6.89
N LEU A 103 26.87 6.15 -6.28
CA LEU A 103 26.01 4.97 -6.16
C LEU A 103 24.87 5.22 -5.14
N ILE A 104 25.16 5.97 -4.05
CA ILE A 104 24.16 6.35 -3.02
C ILE A 104 23.13 7.26 -3.70
N LYS A 105 23.64 8.25 -4.45
CA LYS A 105 22.89 9.24 -5.22
C LYS A 105 21.98 8.55 -6.25
N SER A 106 22.54 7.56 -6.99
CA SER A 106 21.83 6.76 -8.01
C SER A 106 20.64 6.04 -7.40
N TYR A 107 20.88 5.30 -6.29
CA TYR A 107 19.85 4.53 -5.60
C TYR A 107 18.72 5.41 -5.08
N LEU A 108 19.06 6.55 -4.42
CA LEU A 108 18.08 7.50 -3.89
C LEU A 108 17.22 8.10 -5.02
N PHE A 109 17.84 8.46 -6.16
CA PHE A 109 17.17 9.00 -7.33
C PHE A 109 16.19 7.98 -7.92
N GLN A 110 16.62 6.70 -8.00
CA GLN A 110 15.83 5.59 -8.52
C GLN A 110 14.65 5.27 -7.60
N LEU A 111 14.88 5.25 -6.27
CA LEU A 111 13.82 4.97 -5.28
C LEU A 111 12.77 6.08 -5.29
N LEU A 112 13.21 7.35 -5.43
CA LEU A 112 12.35 8.53 -5.50
C LEU A 112 11.49 8.49 -6.77
N GLN A 113 12.07 8.05 -7.91
CA GLN A 113 11.39 7.90 -9.21
C GLN A 113 10.20 6.94 -9.08
N GLY A 114 10.43 5.80 -8.42
CA GLY A 114 9.41 4.77 -8.18
C GLY A 114 8.34 5.20 -7.21
N LEU A 115 8.75 5.88 -6.11
CA LEU A 115 7.86 6.38 -5.07
C LEU A 115 6.97 7.51 -5.60
N ALA A 116 7.52 8.35 -6.51
CA ALA A 116 6.79 9.43 -7.15
C ALA A 116 5.70 8.82 -8.02
N PHE A 117 6.00 7.68 -8.70
CA PHE A 117 5.04 6.95 -9.53
C PHE A 117 3.91 6.42 -8.66
N CYS A 118 4.23 5.95 -7.44
CA CYS A 118 3.24 5.44 -6.48
C CYS A 118 2.32 6.57 -6.01
N HIS A 119 2.92 7.67 -5.49
CA HIS A 119 2.18 8.82 -4.98
C HIS A 119 1.35 9.56 -6.03
N SER A 120 1.82 9.58 -7.29
CA SER A 120 1.07 10.21 -8.39
C SER A 120 -0.13 9.33 -8.75
N HIS A 121 0.07 7.99 -8.71
CA HIS A 121 -0.98 7.01 -8.96
C HIS A 121 -1.69 6.60 -7.64
N ARG A 122 -1.61 7.52 -6.65
CA ARG A 122 -2.19 7.51 -5.29
C ARG A 122 -2.09 6.13 -4.62
N VAL A 123 -0.83 5.74 -4.27
CA VAL A 123 -0.44 4.48 -3.61
C VAL A 123 0.62 4.79 -2.53
N LEU A 124 0.37 4.33 -1.30
CA LEU A 124 1.26 4.48 -0.15
C LEU A 124 2.00 3.16 0.02
N HIS A 125 3.34 3.17 0.05
CA HIS A 125 4.10 1.93 0.24
C HIS A 125 4.01 1.44 1.68
N ARG A 126 4.00 2.40 2.64
CA ARG A 126 3.86 2.24 4.10
C ARG A 126 4.83 1.25 4.76
N ASP A 127 5.87 0.77 4.04
CA ASP A 127 6.83 -0.20 4.59
C ASP A 127 8.20 -0.11 3.92
N LEU A 128 8.76 1.12 3.86
CA LEU A 128 10.06 1.34 3.22
C LEU A 128 11.23 1.10 4.17
N LYS A 129 11.88 -0.06 4.03
CA LYS A 129 13.04 -0.50 4.81
C LYS A 129 14.08 -1.11 3.83
N PRO A 130 15.40 -1.13 4.17
CA PRO A 130 16.41 -1.67 3.23
C PRO A 130 16.19 -3.11 2.78
N GLN A 131 15.58 -3.95 3.64
CA GLN A 131 15.27 -5.35 3.32
C GLN A 131 14.17 -5.40 2.24
N ASN A 132 13.31 -4.36 2.19
CA ASN A 132 12.20 -4.24 1.25
C ASN A 132 12.57 -3.45 -0.02
N LEU A 133 13.87 -3.24 -0.30
CA LEU A 133 14.35 -2.55 -1.50
C LEU A 133 15.39 -3.44 -2.16
N LEU A 134 15.11 -3.91 -3.40
CA LEU A 134 15.95 -4.88 -4.12
C LEU A 134 16.86 -4.30 -5.20
N ILE A 135 18.14 -4.73 -5.20
CA ILE A 135 19.17 -4.30 -6.17
C ILE A 135 19.56 -5.46 -7.11
N ASN A 136 20.13 -5.10 -8.28
CA ASN A 136 20.63 -6.05 -9.27
C ASN A 136 22.07 -5.71 -9.65
N THR A 137 22.76 -6.63 -10.37
CA THR A 137 24.15 -6.47 -10.79
C THR A 137 24.40 -5.35 -11.81
N GLU A 138 23.35 -4.76 -12.42
CA GLU A 138 23.57 -3.70 -13.41
C GLU A 138 23.25 -2.27 -12.88
N GLY A 139 23.24 -2.12 -11.55
CA GLY A 139 23.05 -0.85 -10.86
C GLY A 139 21.66 -0.28 -10.79
N ALA A 140 20.64 -1.15 -10.65
CA ALA A 140 19.25 -0.71 -10.54
C ALA A 140 18.59 -1.19 -9.26
N ILE A 141 17.97 -0.25 -8.51
CA ILE A 141 17.25 -0.52 -7.26
C ILE A 141 15.73 -0.45 -7.53
N LYS A 142 14.95 -1.28 -6.83
CA LYS A 142 13.50 -1.37 -6.98
C LYS A 142 12.77 -1.40 -5.64
N LEU A 143 11.52 -0.88 -5.62
CA LEU A 143 10.68 -0.90 -4.42
C LEU A 143 10.00 -2.27 -4.36
N ALA A 144 10.30 -3.02 -3.31
CA ALA A 144 9.74 -4.36 -3.11
C ALA A 144 8.84 -4.40 -1.87
N ASP A 145 8.18 -5.56 -1.64
CA ASP A 145 7.27 -5.85 -0.53
C ASP A 145 6.17 -4.80 -0.35
N PHE A 146 5.10 -4.91 -1.14
CA PHE A 146 3.94 -4.03 -1.08
C PHE A 146 2.85 -4.63 -0.15
N GLY A 147 3.29 -5.45 0.82
CA GLY A 147 2.43 -6.10 1.81
C GLY A 147 1.63 -5.13 2.65
N LEU A 148 2.28 -4.07 3.16
CA LEU A 148 1.63 -3.04 3.96
C LEU A 148 1.14 -1.84 3.14
N ALA A 149 1.34 -1.89 1.80
CA ALA A 149 0.95 -0.85 0.85
C ALA A 149 -0.56 -0.79 0.60
N ARG A 150 -1.08 0.44 0.38
CA ARG A 150 -2.49 0.70 0.12
C ARG A 150 -2.72 1.88 -0.84
N ALA A 151 -3.87 1.89 -1.53
CA ALA A 151 -4.24 2.96 -2.44
C ALA A 151 -4.91 4.05 -1.61
N PHE A 152 -4.34 5.28 -1.62
CA PHE A 152 -4.86 6.40 -0.84
C PHE A 152 -5.75 7.37 -1.68
N GLY A 153 -6.17 6.93 -2.85
CA GLY A 153 -7.00 7.71 -3.77
C GLY A 153 -8.40 8.01 -3.28
N VAL A 154 -9.13 6.96 -2.83
CA VAL A 154 -10.50 7.03 -2.33
C VAL A 154 -10.54 7.88 -1.04
N PRO A 155 -11.40 8.91 -0.95
CA PRO A 155 -11.42 9.75 0.26
C PRO A 155 -12.12 9.09 1.45
N VAL A 156 -12.13 9.77 2.62
CA VAL A 156 -12.74 9.41 3.91
C VAL A 156 -12.47 7.92 4.35
N ARG A 157 -11.44 7.26 3.76
CA ARG A 157 -11.05 5.89 4.11
C ARG A 157 -10.31 5.86 5.43
N THR A 158 -10.41 4.75 6.18
CA THR A 158 -9.76 4.62 7.48
C THR A 158 -8.28 4.17 7.34
N TYR A 159 -7.41 4.67 8.25
CA TYR A 159 -5.96 4.41 8.25
C TYR A 159 -5.45 3.93 9.60
N THR A 160 -4.55 2.93 9.58
CA THR A 160 -3.94 2.33 10.78
C THR A 160 -2.56 2.92 11.08
N HIS A 161 -2.15 2.86 12.37
CA HIS A 161 -0.86 3.36 12.82
C HIS A 161 0.24 2.30 12.78
N GLU A 162 -0.15 1.00 12.89
CA GLU A 162 0.79 -0.13 12.82
C GLU A 162 1.17 -0.32 11.33
N VAL A 163 2.10 0.52 10.82
CA VAL A 163 2.42 0.48 9.39
C VAL A 163 3.89 0.16 9.06
N VAL A 164 4.87 0.90 9.61
CA VAL A 164 6.28 0.66 9.27
C VAL A 164 7.13 0.44 10.54
N THR A 165 8.35 -0.14 10.39
CA THR A 165 9.30 -0.39 11.47
C THR A 165 9.62 0.95 12.17
N LEU A 166 9.81 0.91 13.50
CA LEU A 166 10.11 2.10 14.31
C LEU A 166 11.19 2.99 13.70
N TRP A 167 12.34 2.38 13.32
CA TRP A 167 13.52 3.04 12.75
C TRP A 167 13.22 3.98 11.57
N TYR A 168 12.18 3.67 10.78
CA TYR A 168 11.76 4.44 9.60
C TYR A 168 10.35 5.04 9.76
N ARG A 169 9.73 4.86 10.95
CA ARG A 169 8.39 5.36 11.25
C ARG A 169 8.33 6.88 11.40
N ALA A 170 7.34 7.49 10.72
CA ALA A 170 7.04 8.92 10.69
C ALA A 170 6.61 9.42 12.09
N PRO A 171 7.00 10.65 12.51
CA PRO A 171 6.62 11.13 13.85
C PRO A 171 5.14 11.43 14.04
N GLU A 172 4.41 11.73 12.94
CA GLU A 172 2.95 11.97 12.92
C GLU A 172 2.16 10.70 13.26
N ILE A 173 2.81 9.53 13.11
CA ILE A 173 2.26 8.21 13.43
C ILE A 173 2.79 7.79 14.83
N LEU A 174 4.05 8.20 15.17
CA LEU A 174 4.67 7.97 16.47
C LEU A 174 3.95 8.77 17.55
N LEU A 175 3.30 9.87 17.14
CA LEU A 175 2.51 10.73 18.01
C LEU A 175 1.00 10.48 17.81
N GLY A 176 0.70 9.29 17.25
CA GLY A 176 -0.64 8.76 16.99
C GLY A 176 -1.67 9.68 16.36
N CYS A 177 -1.21 10.65 15.56
CA CYS A 177 -2.10 11.60 14.90
C CYS A 177 -2.61 11.03 13.60
N LYS A 178 -3.95 11.04 13.42
CA LYS A 178 -4.61 10.57 12.21
C LYS A 178 -4.32 11.50 11.03
N TYR A 179 -4.81 11.15 9.83
CA TYR A 179 -4.61 11.90 8.59
C TYR A 179 -3.13 11.97 8.18
N TYR A 180 -2.60 10.85 7.66
CA TYR A 180 -1.24 10.75 7.15
C TYR A 180 -1.28 10.41 5.67
N SER A 181 -0.20 10.74 4.93
CA SER A 181 -0.12 10.50 3.48
C SER A 181 1.34 10.33 3.01
N THR A 182 1.57 10.55 1.69
CA THR A 182 2.82 10.51 0.92
C THR A 182 4.10 10.81 1.76
N ALA A 183 4.02 11.81 2.66
CA ALA A 183 5.10 12.29 3.54
C ALA A 183 5.71 11.20 4.45
N VAL A 184 4.90 10.20 4.84
CA VAL A 184 5.32 9.08 5.70
C VAL A 184 6.42 8.28 5.00
N ASP A 185 6.21 7.93 3.72
CA ASP A 185 7.16 7.21 2.89
C ASP A 185 8.47 7.99 2.68
N ILE A 186 8.36 9.34 2.58
CA ILE A 186 9.50 10.27 2.40
C ILE A 186 10.43 10.17 3.62
N TRP A 187 9.84 10.14 4.84
CA TRP A 187 10.56 10.03 6.13
C TRP A 187 11.39 8.74 6.19
N SER A 188 10.84 7.62 5.68
CA SER A 188 11.48 6.31 5.62
C SER A 188 12.67 6.30 4.66
N LEU A 189 12.52 6.93 3.47
CA LEU A 189 13.61 7.02 2.48
C LEU A 189 14.71 7.98 2.91
N GLY A 190 14.34 9.01 3.69
CA GLY A 190 15.28 9.96 4.26
C GLY A 190 16.17 9.28 5.29
N CYS A 191 15.58 8.33 6.05
CA CYS A 191 16.28 7.53 7.04
C CYS A 191 17.18 6.50 6.35
N ILE A 192 16.73 5.98 5.18
CA ILE A 192 17.45 5.01 4.36
C ILE A 192 18.66 5.68 3.70
N PHE A 193 18.48 6.93 3.21
CA PHE A 193 19.51 7.76 2.57
C PHE A 193 20.67 8.02 3.52
N ALA A 194 20.36 8.45 4.77
CA ALA A 194 21.34 8.72 5.82
C ALA A 194 22.11 7.44 6.17
N GLU A 195 21.38 6.30 6.30
CA GLU A 195 21.91 4.97 6.61
C GLU A 195 22.96 4.49 5.58
N MET A 196 22.76 4.84 4.30
CA MET A 196 23.68 4.48 3.21
C MET A 196 25.01 5.22 3.34
N VAL A 197 24.96 6.48 3.80
CA VAL A 197 26.14 7.35 3.95
C VAL A 197 26.93 7.06 5.24
N THR A 198 26.26 7.07 6.42
CA THR A 198 26.90 6.85 7.72
C THR A 198 27.13 5.35 8.03
N ARG A 199 26.71 4.45 7.13
CA ARG A 199 26.85 2.98 7.24
C ARG A 199 26.09 2.39 8.46
N ARG A 200 25.21 3.18 9.10
CA ARG A 200 24.42 2.79 10.28
C ARG A 200 23.05 3.49 10.32
N ALA A 201 22.06 2.89 11.00
CA ALA A 201 20.70 3.42 11.14
C ALA A 201 20.68 4.82 11.75
N LEU A 202 19.81 5.71 11.24
CA LEU A 202 19.70 7.08 11.72
C LEU A 202 19.15 7.16 13.15
N PHE A 203 17.93 6.63 13.38
CA PHE A 203 17.33 6.62 14.71
C PHE A 203 17.04 5.17 15.16
N PRO A 204 18.06 4.42 15.64
CA PRO A 204 17.80 3.04 16.06
C PRO A 204 17.16 2.94 17.44
N GLY A 205 15.84 2.95 17.47
CA GLY A 205 15.05 2.89 18.70
C GLY A 205 14.80 1.50 19.24
N ASP A 206 14.39 1.42 20.52
CA ASP A 206 14.07 0.18 21.22
C ASP A 206 12.58 0.11 21.57
N SER A 207 11.88 1.26 21.53
CA SER A 207 10.44 1.39 21.79
C SER A 207 9.88 2.61 21.05
N GLU A 208 8.56 2.86 21.20
CA GLU A 208 7.88 4.00 20.57
C GLU A 208 8.30 5.34 21.17
N ILE A 209 8.35 5.43 22.52
CA ILE A 209 8.76 6.65 23.23
C ILE A 209 10.29 6.88 23.10
N ASP A 210 11.06 5.81 22.88
CA ASP A 210 12.51 5.90 22.69
C ASP A 210 12.83 6.37 21.26
N GLN A 211 12.00 5.95 20.25
CA GLN A 211 12.17 6.35 18.86
C GLN A 211 12.02 7.86 18.70
N LEU A 212 10.97 8.44 19.32
CA LEU A 212 10.70 9.89 19.32
C LEU A 212 11.86 10.65 19.92
N PHE A 213 12.42 10.14 21.04
CA PHE A 213 13.57 10.73 21.73
C PHE A 213 14.84 10.72 20.89
N ARG A 214 15.01 9.70 20.02
CA ARG A 214 16.17 9.58 19.12
C ARG A 214 16.07 10.63 18.00
N ILE A 215 14.84 10.97 17.60
CA ILE A 215 14.55 11.96 16.57
C ILE A 215 14.82 13.37 17.15
N PHE A 216 14.36 13.64 18.39
CA PHE A 216 14.56 14.93 19.06
C PHE A 216 16.01 15.11 19.58
N ARG A 217 16.81 14.04 19.50
CA ARG A 217 18.22 14.01 19.88
C ARG A 217 19.03 14.68 18.76
N THR A 218 18.61 14.44 17.50
CA THR A 218 19.24 14.92 16.29
C THR A 218 18.53 16.18 15.76
N LEU A 219 17.24 16.05 15.41
CA LEU A 219 16.42 17.11 14.84
C LEU A 219 15.81 18.08 15.87
N GLY A 220 15.96 17.76 17.16
CA GLY A 220 15.45 18.57 18.25
C GLY A 220 13.95 18.47 18.46
N THR A 221 13.49 18.72 19.70
CA THR A 221 12.07 18.69 20.06
C THR A 221 11.31 19.77 19.23
N PRO A 222 10.16 19.44 18.59
CA PRO A 222 9.50 20.43 17.73
C PRO A 222 8.64 21.46 18.44
N ASP A 223 8.64 22.70 17.89
CA ASP A 223 7.88 23.86 18.37
C ASP A 223 6.64 24.06 17.46
N GLU A 224 5.65 24.85 17.92
CA GLU A 224 4.41 25.12 17.18
C GLU A 224 4.59 26.07 15.97
N VAL A 225 5.76 26.05 15.32
CA VAL A 225 6.09 26.84 14.13
C VAL A 225 6.74 25.96 13.06
N VAL A 226 7.61 25.02 13.47
CA VAL A 226 8.26 24.04 12.59
C VAL A 226 7.18 22.99 12.26
N TRP A 227 6.40 22.61 13.30
CA TRP A 227 5.25 21.70 13.24
C TRP A 227 4.09 22.47 13.90
N PRO A 228 3.18 23.12 13.11
CA PRO A 228 2.11 23.95 13.71
C PRO A 228 1.23 23.27 14.77
N GLY A 229 0.91 21.99 14.57
CA GLY A 229 0.07 21.23 15.50
C GLY A 229 0.83 20.14 16.24
N VAL A 230 2.00 20.48 16.81
CA VAL A 230 2.84 19.53 17.54
C VAL A 230 2.24 19.21 18.93
N THR A 231 1.81 20.23 19.70
CA THR A 231 1.22 20.06 21.03
C THR A 231 -0.20 19.50 20.96
N SER A 232 -1.03 20.01 20.03
CA SER A 232 -2.41 19.58 19.83
C SER A 232 -2.42 18.25 19.06
N MET A 233 -2.16 17.13 19.78
CA MET A 233 -2.09 15.78 19.23
C MET A 233 -2.79 14.74 20.13
N PRO A 234 -3.25 13.58 19.60
CA PRO A 234 -3.90 12.58 20.46
C PRO A 234 -2.96 11.90 21.46
N ASP A 235 -1.71 11.61 21.03
CA ASP A 235 -0.71 10.98 21.88
C ASP A 235 0.42 11.95 22.28
N TYR A 236 0.03 13.10 22.86
CA TYR A 236 0.94 14.14 23.34
C TYR A 236 0.81 14.30 24.85
N LYS A 237 1.94 14.55 25.51
CA LYS A 237 2.03 14.77 26.96
C LYS A 237 2.98 15.95 27.23
N PRO A 238 2.66 16.88 28.16
CA PRO A 238 3.57 18.02 28.42
C PRO A 238 4.93 17.65 29.00
N SER A 239 5.05 16.41 29.55
CA SER A 239 6.27 15.86 30.14
C SER A 239 7.42 15.63 29.14
N PHE A 240 7.18 15.88 27.83
CA PHE A 240 8.17 15.74 26.76
C PHE A 240 9.30 16.78 26.91
N PRO A 241 10.58 16.35 26.97
CA PRO A 241 11.66 17.33 27.16
C PRO A 241 12.14 18.02 25.89
N LYS A 242 12.44 19.33 26.01
CA LYS A 242 12.95 20.16 24.91
C LYS A 242 14.45 19.92 24.71
N TRP A 243 14.90 19.76 23.45
CA TRP A 243 16.31 19.52 23.12
C TRP A 243 16.83 20.35 21.94
N ALA A 244 18.17 20.56 21.88
CA ALA A 244 18.85 21.33 20.83
C ALA A 244 18.98 20.55 19.53
N ARG A 245 18.79 21.23 18.39
CA ARG A 245 18.90 20.61 17.07
C ARG A 245 20.29 20.80 16.46
N GLN A 246 21.14 19.77 16.59
CA GLN A 246 22.51 19.74 16.06
C GLN A 246 22.54 19.90 14.53
N ASP A 247 23.54 20.65 14.00
CA ASP A 247 23.69 20.93 12.57
C ASP A 247 23.92 19.64 11.77
N PHE A 248 23.35 19.60 10.55
CA PHE A 248 23.42 18.44 9.64
C PHE A 248 24.84 18.09 9.18
N SER A 249 25.80 19.05 9.32
CA SER A 249 27.22 18.84 9.00
C SER A 249 27.75 17.76 9.93
N LYS A 250 27.37 17.84 11.22
CA LYS A 250 27.74 16.89 12.28
C LYS A 250 26.99 15.57 12.07
N VAL A 251 25.66 15.66 11.77
CA VAL A 251 24.74 14.52 11.54
C VAL A 251 25.24 13.60 10.42
N VAL A 252 25.60 14.18 9.27
CA VAL A 252 26.09 13.38 8.15
C VAL A 252 27.42 14.00 7.58
N PRO A 253 28.58 13.57 8.14
CA PRO A 253 29.86 14.13 7.70
C PRO A 253 30.27 13.87 6.23
N PRO A 254 30.05 12.70 5.56
CA PRO A 254 30.51 12.56 4.17
C PRO A 254 29.63 13.24 3.12
N LEU A 255 28.38 13.61 3.46
CA LEU A 255 27.47 14.28 2.52
C LEU A 255 27.81 15.75 2.31
N ASP A 256 27.66 16.24 1.06
CA ASP A 256 27.93 17.62 0.66
C ASP A 256 26.80 18.58 1.05
N GLU A 257 26.95 19.89 0.73
CA GLU A 257 25.98 20.96 1.01
C GLU A 257 24.57 20.67 0.46
N ASP A 258 24.49 20.18 -0.79
CA ASP A 258 23.24 19.84 -1.46
C ASP A 258 22.58 18.60 -0.83
N GLY A 259 23.39 17.62 -0.46
CA GLY A 259 22.94 16.39 0.19
C GLY A 259 22.30 16.63 1.55
N ARG A 260 22.83 17.64 2.29
CA ARG A 260 22.33 18.05 3.61
C ARG A 260 20.99 18.77 3.48
N SER A 261 20.81 19.56 2.39
CA SER A 261 19.59 20.31 2.09
C SER A 261 18.42 19.37 1.77
N LEU A 262 18.70 18.29 1.02
CA LEU A 262 17.70 17.29 0.63
C LEU A 262 17.27 16.44 1.82
N LEU A 263 18.26 16.00 2.65
CA LEU A 263 18.05 15.18 3.85
C LEU A 263 17.17 15.89 4.88
N SER A 264 17.42 17.19 5.10
CA SER A 264 16.66 18.02 6.05
C SER A 264 15.19 18.17 5.64
N GLN A 265 14.93 18.43 4.33
CA GLN A 265 13.59 18.57 3.78
C GLN A 265 12.79 17.26 3.82
N MET A 266 13.49 16.11 3.73
CA MET A 266 12.90 14.77 3.80
C MET A 266 12.54 14.45 5.25
N LEU A 267 13.37 14.92 6.20
CA LEU A 267 13.17 14.71 7.64
C LEU A 267 12.56 15.94 8.34
N HIS A 268 11.69 16.65 7.61
CA HIS A 268 10.96 17.82 8.10
C HIS A 268 9.87 17.33 9.04
N TYR A 269 9.60 18.07 10.14
CA TYR A 269 8.61 17.66 11.12
C TYR A 269 7.17 17.74 10.61
N ASP A 270 6.77 18.86 9.99
CA ASP A 270 5.40 19.03 9.48
C ASP A 270 5.14 18.21 8.19
N PRO A 271 4.16 17.28 8.20
CA PRO A 271 3.88 16.49 6.98
C PRO A 271 3.37 17.31 5.80
N ASN A 272 2.74 18.47 6.07
CA ASN A 272 2.23 19.39 5.05
C ASN A 272 3.34 20.29 4.48
N LYS A 273 4.50 20.36 5.16
CA LYS A 273 5.67 21.13 4.75
C LYS A 273 6.89 20.22 4.43
N ARG A 274 6.73 18.89 4.57
CA ARG A 274 7.76 17.90 4.27
C ARG A 274 7.80 17.72 2.74
N ILE A 275 9.02 17.61 2.16
CA ILE A 275 9.24 17.48 0.72
C ILE A 275 8.46 16.31 0.11
N SER A 276 7.98 16.49 -1.14
CA SER A 276 7.26 15.49 -1.90
C SER A 276 8.26 14.76 -2.78
N ALA A 277 7.91 13.54 -3.23
CA ALA A 277 8.76 12.72 -4.09
C ALA A 277 9.06 13.42 -5.41
N LYS A 278 8.10 14.23 -5.92
CA LYS A 278 8.24 15.01 -7.16
C LYS A 278 9.22 16.16 -7.01
N ALA A 279 9.12 16.93 -5.91
CA ALA A 279 9.99 18.08 -5.62
C ALA A 279 11.42 17.66 -5.31
N ALA A 280 11.60 16.52 -4.62
CA ALA A 280 12.91 15.99 -4.23
C ALA A 280 13.76 15.53 -5.43
N LEU A 281 13.11 15.07 -6.52
CA LEU A 281 13.81 14.62 -7.73
C LEU A 281 14.48 15.79 -8.46
N ALA A 282 13.87 17.00 -8.38
CA ALA A 282 14.31 18.25 -8.99
C ALA A 282 15.49 18.95 -8.29
N HIS A 283 15.80 18.52 -7.05
CA HIS A 283 16.88 19.05 -6.20
C HIS A 283 18.24 19.18 -6.92
N PRO A 284 19.07 20.22 -6.64
CA PRO A 284 20.37 20.33 -7.33
C PRO A 284 21.37 19.21 -7.03
N PHE A 285 21.04 18.34 -6.05
CA PHE A 285 21.86 17.19 -5.64
C PHE A 285 21.96 16.15 -6.77
N PHE A 286 20.88 15.98 -7.56
CA PHE A 286 20.82 15.03 -8.68
C PHE A 286 21.21 15.64 -10.03
N GLN A 287 22.11 16.63 -10.02
CA GLN A 287 22.55 17.26 -11.26
C GLN A 287 23.67 16.46 -11.92
N ASP A 288 24.57 15.85 -11.11
CA ASP A 288 25.68 15.04 -11.61
C ASP A 288 25.46 13.56 -11.29
N VAL A 289 24.24 13.06 -11.57
CA VAL A 289 23.84 11.67 -11.32
C VAL A 289 24.11 10.76 -12.54
N THR A 290 24.69 9.57 -12.28
CA THR A 290 25.00 8.53 -13.26
C THR A 290 24.50 7.19 -12.70
N LYS A 291 24.37 6.15 -13.56
CA LYS A 291 23.91 4.80 -13.18
C LYS A 291 25.09 3.80 -13.11
N PRO A 292 25.79 3.67 -11.95
CA PRO A 292 26.93 2.75 -11.88
C PRO A 292 26.59 1.35 -11.37
N VAL A 293 27.35 0.35 -11.83
CA VAL A 293 27.19 -1.05 -11.42
C VAL A 293 27.69 -1.24 -9.97
N PRO A 294 27.00 -2.03 -9.11
CA PRO A 294 27.48 -2.17 -7.73
C PRO A 294 28.64 -3.16 -7.61
N HIS A 295 29.29 -3.14 -6.44
CA HIS A 295 30.45 -3.96 -6.13
C HIS A 295 30.11 -5.43 -5.89
N LEU A 296 30.79 -6.32 -6.64
CA LEU A 296 30.62 -7.78 -6.57
C LEU A 296 31.93 -8.46 -6.97
N ARG A 297 32.63 -9.08 -5.99
CA ARG A 297 33.91 -9.77 -6.20
C ARG A 297 33.96 -11.15 -5.52
N LEU A 298 34.79 -12.07 -6.06
CA LEU A 298 34.97 -13.44 -5.54
C LEU A 298 36.24 -13.54 -4.69
N GLY B 1 -6.18 0.10 -23.49
CA GLY B 1 -6.82 0.95 -22.51
C GLY B 1 -7.82 0.23 -21.62
N PRO B 2 -7.90 0.59 -20.31
CA PRO B 2 -8.85 -0.11 -19.43
C PRO B 2 -10.27 0.48 -19.47
N CYS B 3 -10.96 0.24 -20.60
CA CYS B 3 -12.33 0.72 -20.87
C CYS B 3 -13.38 -0.37 -20.67
N LEU B 4 -14.60 0.04 -20.29
CA LEU B 4 -15.78 -0.82 -20.14
C LEU B 4 -17.05 -0.02 -20.29
N VAL B 5 -17.93 -0.45 -21.22
CA VAL B 5 -19.22 0.19 -21.50
C VAL B 5 -20.27 -0.42 -20.57
N ILE B 6 -20.87 0.42 -19.72
CA ILE B 6 -21.90 -0.02 -18.78
C ILE B 6 -23.26 0.34 -19.35
N GLN B 7 -24.14 -0.66 -19.48
CA GLN B 7 -25.50 -0.51 -20.02
C GLN B 7 -26.53 -0.28 -18.90
N ARG B 8 -27.74 0.19 -19.28
CA ARG B 8 -28.87 0.45 -18.38
C ARG B 8 -29.24 -0.82 -17.60
N GLN B 9 -29.35 -1.96 -18.31
CA GLN B 9 -29.70 -3.28 -17.75
C GLN B 9 -28.66 -3.82 -16.74
N ASP B 10 -27.42 -3.29 -16.75
CA ASP B 10 -26.36 -3.67 -15.81
C ASP B 10 -26.58 -2.98 -14.47
N MET B 11 -26.96 -1.68 -14.51
CA MET B 11 -27.23 -0.86 -13.33
C MET B 11 -28.61 -1.15 -12.74
N THR B 12 -29.60 -1.52 -13.60
CA THR B 12 -30.97 -1.88 -13.20
C THR B 12 -30.95 -3.16 -12.38
N ALA B 13 -30.21 -4.19 -12.84
CA ALA B 13 -30.07 -5.47 -12.15
C ALA B 13 -29.34 -5.32 -10.82
N PHE B 14 -28.37 -4.37 -10.74
CA PHE B 14 -27.59 -4.08 -9.53
C PHE B 14 -28.44 -3.39 -8.47
N PHE B 15 -29.34 -2.48 -8.89
CA PHE B 15 -30.21 -1.74 -7.98
C PHE B 15 -31.35 -2.60 -7.43
N LYS B 16 -31.62 -3.76 -8.08
CA LYS B 16 -32.63 -4.74 -7.67
C LYS B 16 -32.21 -5.49 -6.39
N LEU B 17 -30.90 -5.42 -6.02
CA LEU B 17 -30.34 -6.02 -4.81
C LEU B 17 -30.87 -5.28 -3.58
N PHE B 18 -31.11 -3.97 -3.73
CA PHE B 18 -31.61 -3.08 -2.69
C PHE B 18 -33.15 -3.14 -2.54
N ASP B 19 -33.80 -4.02 -3.33
CA ASP B 19 -35.25 -4.28 -3.27
C ASP B 19 -35.54 -5.33 -2.20
N ASP B 20 -34.51 -6.12 -1.82
CA ASP B 20 -34.60 -7.13 -0.78
C ASP B 20 -34.63 -6.44 0.59
N ASP B 21 -35.55 -6.88 1.46
CA ASP B 21 -35.77 -6.32 2.80
C ASP B 21 -34.58 -6.54 3.76
N LEU B 22 -33.80 -7.62 3.56
CA LEU B 22 -32.61 -7.94 4.35
C LEU B 22 -31.49 -6.91 4.07
N ILE B 23 -31.29 -6.59 2.77
CA ILE B 23 -30.29 -5.63 2.29
C ILE B 23 -30.61 -4.22 2.79
N GLN B 24 -31.87 -3.76 2.62
CA GLN B 24 -32.31 -2.44 3.08
C GLN B 24 -32.18 -2.28 4.60
N ASP B 25 -32.38 -3.38 5.36
CA ASP B 25 -32.22 -3.41 6.82
C ASP B 25 -30.75 -3.29 7.19
N PHE B 26 -29.86 -3.92 6.36
CA PHE B 26 -28.41 -3.91 6.54
C PHE B 26 -27.84 -2.51 6.33
N LEU B 27 -28.33 -1.79 5.29
CA LEU B 27 -27.90 -0.42 4.99
C LEU B 27 -28.36 0.52 6.11
N TRP B 28 -29.58 0.27 6.64
CA TRP B 28 -30.19 1.03 7.75
C TRP B 28 -29.33 0.91 9.00
N MET B 29 -28.88 -0.33 9.30
CA MET B 29 -28.01 -0.71 10.42
C MET B 29 -26.74 0.15 10.41
N ASP B 30 -26.07 0.22 9.24
CA ASP B 30 -24.86 1.00 9.02
C ASP B 30 -25.21 2.48 8.89
N CYS B 31 -25.32 3.18 10.04
CA CYS B 31 -25.68 4.60 10.11
C CYS B 31 -24.48 5.52 9.81
N CYS B 32 -23.32 5.24 10.44
CA CYS B 32 -22.08 6.01 10.29
C CYS B 32 -21.36 5.76 8.94
N CYS B 33 -21.92 4.82 8.11
CA CYS B 33 -21.44 4.41 6.77
C CYS B 33 -20.02 3.79 6.79
N LYS B 34 -19.62 3.21 7.93
CA LYS B 34 -18.31 2.60 8.16
C LYS B 34 -17.98 1.41 7.27
N ILE B 35 -18.99 0.59 6.91
CA ILE B 35 -18.79 -0.63 6.12
C ILE B 35 -19.50 -0.62 4.75
N ALA B 36 -20.56 0.20 4.58
CA ALA B 36 -21.29 0.25 3.32
C ALA B 36 -21.65 1.68 2.86
N ASP B 37 -20.61 2.50 2.60
CA ASP B 37 -20.76 3.88 2.13
C ASP B 37 -20.90 3.91 0.59
N LYS B 38 -21.13 5.12 0.00
CA LYS B 38 -21.25 5.31 -1.45
C LYS B 38 -20.04 4.73 -2.23
N TYR B 39 -18.81 4.96 -1.73
CA TYR B 39 -17.58 4.47 -2.36
C TYR B 39 -17.46 2.96 -2.30
N LEU B 40 -17.84 2.35 -1.17
CA LEU B 40 -17.80 0.89 -1.01
C LEU B 40 -18.92 0.23 -1.82
N LEU B 41 -20.06 0.95 -2.00
CA LEU B 41 -21.20 0.50 -2.81
C LEU B 41 -20.92 0.71 -4.31
N ALA B 42 -20.02 1.66 -4.64
CA ALA B 42 -19.57 1.92 -6.02
C ALA B 42 -18.63 0.78 -6.36
N MET B 43 -17.79 0.39 -5.39
CA MET B 43 -16.82 -0.71 -5.48
C MET B 43 -17.50 -2.07 -5.67
N THR B 44 -18.63 -2.33 -4.96
CA THR B 44 -19.35 -3.61 -5.06
C THR B 44 -19.94 -3.80 -6.48
N PHE B 45 -20.39 -2.71 -7.16
CA PHE B 45 -20.89 -2.81 -8.54
C PHE B 45 -19.74 -3.09 -9.49
N VAL B 46 -18.60 -2.39 -9.29
CA VAL B 46 -17.37 -2.52 -10.09
C VAL B 46 -16.91 -3.99 -10.05
N TYR B 47 -16.89 -4.62 -8.86
CA TYR B 47 -16.52 -6.04 -8.69
C TYR B 47 -17.45 -7.00 -9.43
N PHE B 48 -18.75 -6.66 -9.50
CA PHE B 48 -19.77 -7.45 -10.18
C PHE B 48 -19.52 -7.50 -11.69
N LYS B 49 -19.25 -6.34 -12.32
CA LYS B 49 -18.95 -6.24 -13.74
C LYS B 49 -17.59 -6.82 -14.09
N ARG B 50 -16.64 -6.79 -13.12
CA ARG B 50 -15.29 -7.33 -13.25
C ARG B 50 -15.35 -8.87 -13.27
N ALA B 51 -16.10 -9.46 -12.30
CA ALA B 51 -16.31 -10.91 -12.20
C ALA B 51 -17.23 -11.39 -13.30
N LYS B 52 -17.92 -10.44 -13.97
CA LYS B 52 -18.85 -10.66 -15.08
C LYS B 52 -20.04 -11.49 -14.60
N PHE B 53 -20.65 -11.07 -13.47
CA PHE B 53 -21.79 -11.72 -12.84
C PHE B 53 -23.03 -11.67 -13.74
N THR B 54 -23.67 -12.82 -13.93
CA THR B 54 -24.88 -12.97 -14.74
C THR B 54 -26.09 -12.56 -13.90
N ILE B 55 -27.28 -12.47 -14.53
CA ILE B 55 -28.56 -12.10 -13.90
C ILE B 55 -28.87 -13.01 -12.71
N SER B 56 -28.68 -14.34 -12.88
CA SER B 56 -28.89 -15.37 -11.85
C SER B 56 -27.84 -15.29 -10.72
N GLU B 57 -26.66 -14.70 -11.01
CA GLU B 57 -25.55 -14.54 -10.07
C GLU B 57 -25.66 -13.22 -9.26
N HIS B 58 -26.71 -12.43 -9.53
CA HIS B 58 -26.98 -11.18 -8.82
C HIS B 58 -27.80 -11.51 -7.56
N THR B 59 -27.16 -12.19 -6.58
CA THR B 59 -27.78 -12.60 -5.30
C THR B 59 -27.27 -11.75 -4.12
N ARG B 60 -27.94 -11.87 -2.96
CA ARG B 60 -27.58 -11.12 -1.74
C ARG B 60 -26.21 -11.53 -1.18
N ILE B 61 -25.91 -12.85 -1.19
CA ILE B 61 -24.62 -13.40 -0.73
C ILE B 61 -23.44 -12.85 -1.56
N ASN B 62 -23.62 -12.72 -2.89
CA ASN B 62 -22.62 -12.19 -3.81
C ASN B 62 -22.35 -10.72 -3.56
N PHE B 63 -23.37 -9.98 -3.10
CA PHE B 63 -23.28 -8.56 -2.75
C PHE B 63 -22.40 -8.37 -1.52
N PHE B 64 -22.56 -9.23 -0.50
CA PHE B 64 -21.81 -9.17 0.74
C PHE B 64 -20.34 -9.58 0.58
N ILE B 65 -20.04 -10.62 -0.24
CA ILE B 65 -18.65 -11.06 -0.47
C ILE B 65 -17.85 -9.98 -1.21
N ALA B 66 -18.51 -9.27 -2.16
CA ALA B 66 -17.91 -8.17 -2.94
C ALA B 66 -17.71 -6.92 -2.07
N LEU B 67 -18.66 -6.66 -1.13
CA LEU B 67 -18.57 -5.54 -0.19
C LEU B 67 -17.48 -5.81 0.84
N TYR B 68 -17.32 -7.09 1.28
CA TYR B 68 -16.29 -7.52 2.22
C TYR B 68 -14.90 -7.33 1.58
N LEU B 69 -14.78 -7.68 0.28
CA LEU B 69 -13.55 -7.53 -0.49
C LEU B 69 -13.17 -6.04 -0.59
N ALA B 70 -14.17 -5.16 -0.81
CA ALA B 70 -14.01 -3.72 -0.87
C ALA B 70 -13.54 -3.14 0.47
N ASN B 71 -13.98 -3.74 1.58
CA ASN B 71 -13.59 -3.35 2.92
C ASN B 71 -12.19 -3.90 3.28
N THR B 72 -11.81 -5.04 2.66
CA THR B 72 -10.50 -5.68 2.86
C THR B 72 -9.43 -4.84 2.18
N VAL B 73 -9.77 -4.27 1.01
CA VAL B 73 -8.89 -3.48 0.15
C VAL B 73 -8.76 -2.03 0.58
N GLU B 74 -9.87 -1.33 0.86
CA GLU B 74 -9.84 0.10 1.17
C GLU B 74 -9.92 0.49 2.65
N GLU B 75 -10.32 -0.42 3.56
CA GLU B 75 -10.44 -0.07 4.98
C GLU B 75 -9.41 -0.76 5.88
N ASP B 76 -8.53 0.05 6.52
CA ASP B 76 -7.47 -0.42 7.42
C ASP B 76 -8.00 -1.02 8.73
N GLU B 77 -9.18 -0.55 9.22
CA GLU B 77 -9.79 -1.08 10.43
C GLU B 77 -10.44 -2.43 10.07
N GLU B 78 -9.78 -3.53 10.47
CA GLU B 78 -10.19 -4.89 10.19
C GLU B 78 -11.41 -5.33 10.98
N GLU B 79 -11.58 -4.80 12.21
CA GLU B 79 -12.66 -5.15 13.12
C GLU B 79 -14.06 -4.81 12.60
N THR B 80 -14.24 -3.59 12.06
CA THR B 80 -15.51 -3.06 11.53
C THR B 80 -16.19 -3.97 10.49
N LYS B 81 -15.41 -4.50 9.52
CA LYS B 81 -15.93 -5.33 8.41
C LYS B 81 -16.53 -6.69 8.84
N TYR B 82 -16.30 -7.14 10.09
CA TYR B 82 -16.84 -8.42 10.58
C TYR B 82 -18.37 -8.40 10.78
N GLU B 83 -18.99 -7.19 10.79
CA GLU B 83 -20.44 -7.00 10.93
C GLU B 83 -21.23 -7.56 9.73
N ILE B 84 -20.54 -7.85 8.63
CA ILE B 84 -21.10 -8.40 7.39
C ILE B 84 -21.52 -9.87 7.60
N PHE B 85 -20.71 -10.66 8.35
CA PHE B 85 -20.94 -12.09 8.63
C PHE B 85 -22.37 -12.44 9.10
N PRO B 86 -22.98 -11.81 10.15
CA PRO B 86 -24.33 -12.22 10.56
C PRO B 86 -25.46 -11.91 9.58
N TRP B 87 -25.23 -10.99 8.63
CA TRP B 87 -26.24 -10.58 7.64
C TRP B 87 -26.35 -11.52 6.42
N ALA B 88 -25.28 -12.28 6.13
CA ALA B 88 -25.26 -13.21 5.00
C ALA B 88 -25.13 -14.68 5.44
N LEU B 89 -24.71 -14.91 6.70
CA LEU B 89 -24.51 -16.26 7.24
C LEU B 89 -25.46 -16.61 8.40
N GLY B 90 -26.43 -15.73 8.68
CA GLY B 90 -27.42 -15.92 9.74
C GLY B 90 -26.88 -15.75 11.14
N LYS B 91 -27.50 -16.44 12.11
CA LYS B 91 -27.13 -16.34 13.53
C LYS B 91 -26.15 -17.44 13.99
N ASN B 92 -25.42 -18.06 13.05
CA ASN B 92 -24.42 -19.09 13.34
C ASN B 92 -23.07 -18.72 12.68
N TRP B 93 -22.88 -17.40 12.42
CA TRP B 93 -21.72 -16.77 11.79
C TRP B 93 -20.37 -17.05 12.47
N ARG B 94 -20.37 -17.28 13.80
CA ARG B 94 -19.17 -17.51 14.63
C ARG B 94 -18.30 -18.70 14.17
N LYS B 95 -18.88 -19.60 13.36
CA LYS B 95 -18.18 -20.74 12.78
C LYS B 95 -18.46 -20.88 11.27
N LEU B 96 -19.37 -20.02 10.74
CA LEU B 96 -19.76 -19.96 9.33
C LEU B 96 -18.97 -18.91 8.52
N PHE B 97 -18.18 -18.05 9.21
CA PHE B 97 -17.39 -17.00 8.58
C PHE B 97 -16.20 -17.49 7.71
N PRO B 98 -15.48 -18.62 7.98
CA PRO B 98 -14.37 -19.00 7.09
C PRO B 98 -14.79 -19.40 5.67
N ASN B 99 -15.99 -20.01 5.53
CA ASN B 99 -16.54 -20.42 4.23
C ASN B 99 -16.95 -19.22 3.38
N PHE B 100 -17.27 -18.09 4.04
CA PHE B 100 -17.62 -16.81 3.41
C PHE B 100 -16.35 -16.23 2.79
N LEU B 101 -15.22 -16.29 3.55
CA LEU B 101 -13.90 -15.80 3.15
C LEU B 101 -13.34 -16.59 1.97
N LYS B 102 -13.71 -17.89 1.86
CA LYS B 102 -13.32 -18.77 0.76
C LYS B 102 -14.00 -18.25 -0.53
N LEU B 103 -15.27 -17.80 -0.42
CA LEU B 103 -16.06 -17.25 -1.53
C LEU B 103 -15.49 -15.90 -1.92
N ARG B 104 -15.01 -15.12 -0.92
CA ARG B 104 -14.41 -13.80 -1.10
C ARG B 104 -13.13 -13.94 -1.93
N ASP B 105 -12.34 -15.01 -1.67
CA ASP B 105 -11.12 -15.30 -2.41
C ASP B 105 -11.48 -15.81 -3.80
N GLN B 106 -12.60 -16.59 -3.91
CA GLN B 106 -13.12 -17.13 -5.18
C GLN B 106 -13.54 -16.00 -6.12
N LEU B 107 -14.16 -14.94 -5.57
CA LEU B 107 -14.55 -13.75 -6.33
C LEU B 107 -13.27 -12.98 -6.73
N TRP B 108 -12.31 -12.84 -5.79
CA TRP B 108 -11.03 -12.17 -6.00
C TRP B 108 -10.24 -12.87 -7.12
N ASP B 109 -10.41 -14.20 -7.25
CA ASP B 109 -9.81 -15.00 -8.32
C ASP B 109 -10.53 -14.70 -9.65
N ARG B 110 -11.87 -14.58 -9.59
CA ARG B 110 -12.76 -14.33 -10.72
C ARG B 110 -12.54 -12.95 -11.37
N ILE B 111 -12.01 -11.98 -10.60
CA ILE B 111 -11.73 -10.61 -11.08
C ILE B 111 -10.24 -10.45 -11.49
N ASP B 112 -9.53 -11.58 -11.67
CA ASP B 112 -8.11 -11.67 -12.03
C ASP B 112 -7.22 -10.94 -11.00
N TYR B 113 -7.64 -10.99 -9.71
CA TYR B 113 -7.00 -10.39 -8.54
C TYR B 113 -6.88 -8.85 -8.60
N ARG B 114 -7.55 -8.23 -9.60
CA ARG B 114 -7.57 -6.78 -9.80
C ARG B 114 -8.65 -6.18 -8.89
N ALA B 115 -8.35 -6.11 -7.58
CA ALA B 115 -9.29 -5.60 -6.58
C ALA B 115 -9.15 -4.11 -6.26
N ILE B 116 -8.18 -3.40 -6.90
CA ILE B 116 -8.00 -1.95 -6.67
C ILE B 116 -9.04 -1.16 -7.47
N VAL B 117 -9.92 -0.43 -6.76
CA VAL B 117 -10.95 0.41 -7.38
C VAL B 117 -10.60 1.87 -7.08
N SER B 118 -10.20 2.61 -8.12
CA SER B 118 -9.79 4.02 -8.06
C SER B 118 -10.96 4.96 -7.74
N ARG B 119 -10.64 6.20 -7.27
CA ARG B 119 -11.65 7.24 -6.98
C ARG B 119 -12.33 7.67 -8.28
N ARG B 120 -11.54 7.87 -9.37
CA ARG B 120 -12.00 8.24 -10.70
C ARG B 120 -13.10 7.29 -11.20
N CYS B 121 -12.89 5.97 -11.05
CA CYS B 121 -13.84 4.92 -11.44
C CYS B 121 -15.11 4.97 -10.60
N CYS B 122 -14.96 5.14 -9.26
CA CYS B 122 -16.05 5.25 -8.29
C CYS B 122 -16.96 6.44 -8.61
N GLU B 123 -16.36 7.60 -8.94
CA GLU B 123 -17.09 8.82 -9.29
C GLU B 123 -17.78 8.62 -10.65
N GLU B 124 -17.15 7.82 -11.55
CA GLU B 124 -17.68 7.52 -12.88
C GLU B 124 -18.90 6.58 -12.82
N VAL B 125 -18.88 5.57 -11.93
CA VAL B 125 -20.02 4.65 -11.76
C VAL B 125 -21.16 5.34 -11.00
N MET B 126 -20.81 6.26 -10.08
CA MET B 126 -21.76 7.04 -9.28
C MET B 126 -22.59 7.96 -10.20
N ALA B 127 -21.91 8.60 -11.17
CA ALA B 127 -22.49 9.55 -12.13
C ALA B 127 -23.50 8.95 -13.13
N ILE B 128 -23.56 7.60 -13.28
CA ILE B 128 -24.51 6.92 -14.20
C ILE B 128 -25.95 7.30 -13.79
N ALA B 129 -26.23 7.26 -12.49
CA ALA B 129 -27.50 7.65 -11.88
C ALA B 129 -27.16 8.24 -10.50
N PRO B 130 -26.83 9.55 -10.39
CA PRO B 130 -26.45 10.11 -9.08
C PRO B 130 -27.63 10.36 -8.14
N THR B 131 -28.87 10.34 -8.69
CA THR B 131 -30.13 10.54 -7.98
C THR B 131 -30.46 9.40 -6.98
N HIS B 132 -29.83 8.22 -7.16
CA HIS B 132 -30.03 7.04 -6.32
C HIS B 132 -29.58 7.27 -4.88
N TYR B 133 -30.37 6.76 -3.91
CA TYR B 133 -30.17 6.91 -2.47
C TYR B 133 -28.86 6.28 -1.92
N ILE B 134 -28.33 5.22 -2.56
CA ILE B 134 -27.11 4.55 -2.09
C ILE B 134 -25.86 5.46 -2.28
N TRP B 135 -25.95 6.43 -3.20
CA TRP B 135 -24.89 7.40 -3.45
C TRP B 135 -25.03 8.62 -2.53
N GLN B 136 -26.17 8.70 -1.80
CA GLN B 136 -26.48 9.76 -0.82
C GLN B 136 -25.96 9.34 0.57
N ARG B 137 -25.28 8.17 0.65
CA ARG B 137 -24.69 7.57 1.85
C ARG B 137 -23.23 8.04 2.01
N GLU B 138 -23.05 9.26 2.53
CA GLU B 138 -21.74 9.88 2.74
C GLU B 138 -21.17 9.63 4.16
N ARG B 139 -19.83 9.70 4.28
CA ARG B 139 -19.08 9.53 5.52
C ARG B 139 -18.41 10.88 5.92
N SER B 140 -17.99 11.02 7.20
CA SER B 140 -17.36 12.25 7.70
C SER B 140 -16.11 11.98 8.56
N VAL B 141 -16.18 10.95 9.43
CA VAL B 141 -15.09 10.52 10.31
C VAL B 141 -14.65 9.13 9.83
N HIS B 142 -13.37 8.97 9.44
CA HIS B 142 -12.85 7.72 8.92
C HIS B 142 -12.80 6.60 9.97
N GLU C 12 -40.59 0.51 -13.94
CA GLU C 12 -40.03 1.76 -14.44
C GLU C 12 -38.70 2.08 -13.76
N SER C 13 -37.69 2.49 -14.56
CA SER C 13 -36.35 2.86 -14.08
C SER C 13 -35.76 4.01 -14.91
N TRP C 14 -35.17 5.00 -14.22
CA TRP C 14 -34.57 6.18 -14.86
C TRP C 14 -33.04 6.23 -14.64
N ILE C 15 -32.30 5.43 -15.42
CA ILE C 15 -30.83 5.29 -15.37
C ILE C 15 -30.27 5.53 -16.79
N ARG C 16 -29.01 6.05 -16.90
CA ARG C 16 -28.31 6.32 -18.16
C ARG C 16 -28.22 5.05 -19.04
N GLU C 17 -28.79 5.12 -20.26
CA GLU C 17 -28.90 4.03 -21.24
C GLU C 17 -27.57 3.42 -21.66
N GLN C 18 -26.56 4.26 -21.97
CA GLN C 18 -25.22 3.83 -22.38
C GLN C 18 -24.16 4.74 -21.75
N THR C 19 -23.24 4.16 -20.96
CA THR C 19 -22.18 4.92 -20.30
C THR C 19 -20.81 4.32 -20.58
N THR C 20 -19.90 5.17 -21.11
CA THR C 20 -18.53 4.78 -21.44
C THR C 20 -17.60 5.26 -20.33
N VAL C 21 -16.94 4.31 -19.64
CA VAL C 21 -16.01 4.60 -18.55
C VAL C 21 -14.59 4.55 -19.10
N ASP C 22 -13.92 5.71 -19.17
CA ASP C 22 -12.56 5.88 -19.68
C ASP C 22 -11.53 5.12 -18.85
N HIS C 23 -11.76 5.03 -17.53
CA HIS C 23 -10.88 4.34 -16.60
C HIS C 23 -11.68 3.38 -15.69
N PHE C 24 -11.86 2.13 -16.14
CA PHE C 24 -12.59 1.13 -15.34
C PHE C 24 -11.61 0.37 -14.45
N TRP C 25 -10.47 -0.07 -15.03
CA TRP C 25 -9.40 -0.75 -14.29
C TRP C 25 -8.23 0.21 -14.10
N GLY C 26 -7.48 0.03 -13.02
CA GLY C 26 -6.31 0.84 -12.74
C GLY C 26 -6.38 1.70 -11.50
N LEU C 27 -5.32 2.50 -11.29
CA LEU C 27 -5.13 3.42 -10.18
C LEU C 27 -5.36 4.87 -10.64
N ASP C 28 -5.41 5.83 -9.70
CA ASP C 28 -5.61 7.24 -9.99
C ASP C 28 -4.40 7.92 -10.66
N ASP C 29 -4.52 9.24 -10.96
CA ASP C 29 -3.47 10.06 -11.58
C ASP C 29 -3.56 11.49 -11.01
N ASP C 30 -2.47 11.98 -10.40
CA ASP C 30 -2.40 13.32 -9.81
C ASP C 30 -0.98 13.88 -9.80
#